data_9E5L
#
_entry.id   9E5L
#
_cell.length_a   40.875
_cell.length_b   78.228
_cell.length_c   80.861
_cell.angle_alpha   90.00
_cell.angle_beta   90.20
_cell.angle_gamma   90.00
#
_symmetry.space_group_name_H-M   'P 1 21 1'
#
loop_
_entity.id
_entity.type
_entity.pdbx_description
1 polymer 'RNA (76-MER)'
2 non-polymer ethynyl-benzothiophene-cobalamin
3 non-polymer N-methylpropane-1,3-diamine
4 non-polymer 2-AMINO-2-HYDROXYMETHYL-PROPANE-1,3-DIOL
5 non-polymer 'MAGNESIUM ION'
6 non-polymer 'POTASSIUM ION'
7 water water
#
_entity_poly.entity_id   1
_entity_poly.type   'polyribonucleotide'
_entity_poly.pdbx_seq_one_letter_code
;(GTP)GUAAAAGCAUAGUGGGAAAGUGACGUGAAAUUCGUCCACACGAAAGUAAGGUCAUAGUCCGAAUGCCACCUACCA
;
_entity_poly.pdbx_strand_id   A,B
#